data_6EID
#
_entry.id   6EID
#
_cell.length_a   62.780
_cell.length_b   135.770
_cell.length_c   78.120
_cell.angle_alpha   90.000
_cell.angle_beta   92.950
_cell.angle_gamma   90.000
#
_symmetry.space_group_name_H-M   'C 1 2 1'
#
loop_
_entity.id
_entity.type
_entity.pdbx_description
1 polymer 'Archaeal-type opsin 2'
2 non-polymer '(2R)-2,3-dihydroxypropyl (9Z)-octadec-9-enoate'
3 non-polymer 'PHOSPHATE ION'
4 non-polymer '{[-(BIS-CARBOXYMETHYL-AMINO)-ETHYL]-CARBOXYMETHYL-AMINO}-ACETIC ACID'
5 water water
#
_entity_poly.entity_id   1
_entity_poly.type   'polypeptide(L)'
_entity_poly.pdbx_seq_one_letter_code
;MDYGGALSAVGRELLFVTNPVVVNGSVLVPEDQCYCAGWIESRGTNGAQTASNVLQWLAAGFSILLLMFYAYQTWKSTCG
WEEIYVCAIEMVKVILEFFFEFKNPSMLYLATGHRVQWLRYAEWLLTCPVILIHLSNLTGLSNDYSRRTMGLLVSDIGTI
VWGATSAMATGYVKVIFFCLGLCYGANTFFHAAKAYIEGYHTVPKGRCRQVVTGMAWLFFVSWGMFPILFILGPEGFGVL
SVYGSTVGHTIIDLMS(LYR)NCWGLLGHYLRVLIHEHILIHGDIRKTTKLNIGGTEIEVETLVEDEAEAGAVNKGTGK
;
_entity_poly.pdbx_strand_id   A,B
#
# COMPACT_ATOMS: atom_id res chain seq x y z
N GLN A 33 7.70 -35.43 -19.23
CA GLN A 33 8.74 -35.35 -20.30
C GLN A 33 8.68 -34.07 -21.15
N CYS A 34 8.43 -32.93 -20.52
CA CYS A 34 8.42 -31.60 -21.19
C CYS A 34 9.54 -30.72 -20.68
N TYR A 35 10.08 -29.88 -21.56
CA TYR A 35 11.27 -29.10 -21.25
C TYR A 35 10.99 -27.60 -21.31
N CYS A 36 11.49 -26.89 -20.31
CA CYS A 36 11.43 -25.44 -20.27
C CYS A 36 12.50 -24.89 -19.31
N ALA A 37 13.19 -23.83 -19.74
CA ALA A 37 14.25 -23.23 -18.94
C ALA A 37 13.71 -22.62 -17.66
N GLY A 38 12.58 -21.92 -17.77
CA GLY A 38 11.95 -21.23 -16.63
C GLY A 38 11.56 -22.10 -15.45
N TRP A 39 11.18 -23.35 -15.73
CA TRP A 39 10.81 -24.30 -14.65
C TRP A 39 11.97 -24.74 -13.74
N ILE A 40 13.20 -24.46 -14.16
CA ILE A 40 14.44 -24.88 -13.48
C ILE A 40 15.20 -23.69 -12.87
N GLU A 41 14.67 -22.47 -13.02
CA GLU A 41 15.22 -21.28 -12.37
C GLU A 41 15.36 -21.51 -10.85
N SER A 42 16.36 -20.86 -10.24
CA SER A 42 16.57 -20.99 -8.81
C SER A 42 15.29 -20.61 -8.04
N ARG A 43 15.03 -21.36 -6.98
CA ARG A 43 13.90 -21.13 -6.11
C ARG A 43 14.23 -20.09 -5.02
N GLY A 44 15.52 -19.77 -4.91
CA GLY A 44 16.03 -18.84 -3.93
C GLY A 44 17.29 -19.39 -3.29
N THR A 45 17.82 -18.63 -2.34
CA THR A 45 19.04 -19.00 -1.64
C THR A 45 18.78 -20.02 -0.55
N ASN A 46 19.84 -20.71 -0.12
CA ASN A 46 19.75 -21.73 0.95
C ASN A 46 19.26 -21.13 2.28
N GLY A 47 19.68 -19.90 2.56
CA GLY A 47 19.22 -19.17 3.73
C GLY A 47 17.73 -18.89 3.68
N ALA A 48 17.26 -18.46 2.51
CA ALA A 48 15.83 -18.24 2.28
C ALA A 48 15.06 -19.55 2.37
N GLN A 49 15.59 -20.61 1.77
CA GLN A 49 15.00 -21.95 1.91
C GLN A 49 14.89 -22.39 3.37
N THR A 50 15.98 -22.24 4.10
CA THR A 50 16.02 -22.65 5.51
C THR A 50 15.04 -21.80 6.33
N ALA A 51 15.09 -20.48 6.15
CA ALA A 51 14.12 -19.57 6.76
C ALA A 51 12.68 -19.99 6.47
N SER A 52 12.43 -20.31 5.21
CA SER A 52 11.11 -20.72 4.78
C SER A 52 10.68 -22.01 5.49
N ASN A 53 11.55 -23.03 5.44
CA ASN A 53 11.30 -24.28 6.17
C ASN A 53 11.06 -24.07 7.66
N VAL A 54 11.88 -23.24 8.29
CA VAL A 54 11.70 -22.95 9.72
C VAL A 54 10.31 -22.35 10.02
N LEU A 55 9.90 -21.35 9.25
CA LEU A 55 8.58 -20.73 9.46
C LEU A 55 7.39 -21.68 9.24
N GLN A 56 7.56 -22.69 8.38
CA GLN A 56 6.54 -23.74 8.19
C GLN A 56 6.33 -24.52 9.49
N TRP A 57 7.43 -24.90 10.15
CA TRP A 57 7.36 -25.62 11.42
C TRP A 57 6.66 -24.79 12.48
N LEU A 58 7.07 -23.52 12.61
CA LEU A 58 6.44 -22.62 13.56
C LEU A 58 4.95 -22.46 13.27
N ALA A 59 4.62 -22.27 11.99
CA ALA A 59 3.23 -22.11 11.60
C ALA A 59 2.37 -23.32 11.97
N ALA A 60 2.87 -24.50 11.62
CA ALA A 60 2.25 -25.79 11.96
C ALA A 60 2.07 -25.97 13.46
N GLY A 61 3.18 -25.80 14.20
CA GLY A 61 3.16 -25.93 15.66
C GLY A 61 2.19 -24.98 16.31
N PHE A 62 2.27 -23.70 15.93
CA PHE A 62 1.32 -22.69 16.42
C PHE A 62 -0.12 -23.08 16.06
N SER A 63 -0.36 -23.54 14.83
CA SER A 63 -1.71 -23.96 14.42
C SER A 63 -2.26 -25.16 15.22
N ILE A 64 -1.40 -26.16 15.47
CA ILE A 64 -1.79 -27.32 16.29
C ILE A 64 -2.22 -26.87 17.70
N LEU A 65 -1.40 -26.05 18.36
CA LEU A 65 -1.69 -25.56 19.70
C LEU A 65 -2.97 -24.72 19.73
N LEU A 66 -3.15 -23.86 18.72
CA LEU A 66 -4.40 -23.12 18.56
C LEU A 66 -5.59 -24.05 18.38
N LEU A 67 -5.43 -25.07 17.56
CA LEU A 67 -6.48 -26.05 17.33
C LEU A 67 -6.84 -26.79 18.63
N MET A 68 -5.82 -27.23 19.37
CA MET A 68 -6.01 -27.82 20.68
C MET A 68 -6.75 -26.87 21.62
N PHE A 69 -6.28 -25.63 21.71
CA PHE A 69 -6.93 -24.59 22.53
C PHE A 69 -8.40 -24.36 22.14
N TYR A 70 -8.67 -24.24 20.84
CA TYR A 70 -10.05 -24.05 20.37
C TYR A 70 -10.95 -25.27 20.62
N ALA A 71 -10.42 -26.46 20.29
CA ALA A 71 -11.10 -27.73 20.60
C ALA A 71 -11.40 -27.86 22.10
N TYR A 72 -10.41 -27.51 22.93
CA TYR A 72 -10.58 -27.46 24.40
C TYR A 72 -11.74 -26.56 24.80
N GLN A 73 -11.82 -25.38 24.17
CA GLN A 73 -12.96 -24.46 24.41
C GLN A 73 -14.31 -25.03 23.92
N THR A 74 -14.33 -25.68 22.74
CA THR A 74 -15.61 -26.25 22.21
C THR A 74 -16.34 -27.19 23.19
N TRP A 75 -15.57 -28.05 23.86
CA TRP A 75 -16.09 -28.97 24.87
C TRP A 75 -16.47 -28.23 26.16
N LYS A 76 -15.59 -27.33 26.64
CA LYS A 76 -15.80 -26.60 27.90
C LYS A 76 -16.48 -25.22 27.76
N SER A 77 -16.77 -24.76 26.53
CA SER A 77 -17.40 -23.45 26.30
C SER A 77 -18.03 -23.35 24.88
N THR A 78 -18.42 -22.15 24.47
CA THR A 78 -18.81 -21.88 23.07
C THR A 78 -17.62 -21.27 22.31
N CYS A 79 -17.41 -21.73 21.10
CA CYS A 79 -16.32 -21.28 20.22
C CYS A 79 -16.82 -21.22 18.78
N GLY A 80 -16.61 -20.06 18.12
CA GLY A 80 -17.01 -19.89 16.73
C GLY A 80 -16.27 -20.84 15.78
N TRP A 81 -17.01 -21.38 14.82
CA TRP A 81 -16.44 -22.25 13.79
C TRP A 81 -15.42 -21.58 12.87
N GLU A 82 -15.52 -20.27 12.69
CA GLU A 82 -14.62 -19.51 11.82
C GLU A 82 -13.17 -19.59 12.23
N GLU A 83 -12.91 -19.40 13.52
CA GLU A 83 -11.57 -19.51 14.08
C GLU A 83 -10.99 -20.91 13.85
N ILE A 84 -11.81 -21.94 14.01
CA ILE A 84 -11.39 -23.34 13.90
C ILE A 84 -11.17 -23.76 12.43
N TYR A 85 -12.13 -23.44 11.57
CA TYR A 85 -12.07 -23.83 10.16
C TYR A 85 -10.85 -23.23 9.50
N VAL A 86 -10.64 -21.94 9.75
CA VAL A 86 -9.51 -21.22 9.20
C VAL A 86 -8.18 -21.81 9.68
N CYS A 87 -8.09 -22.06 10.97
CA CYS A 87 -6.88 -22.63 11.57
C CYS A 87 -6.57 -24.05 11.07
N ALA A 88 -7.60 -24.88 10.89
CA ALA A 88 -7.43 -26.24 10.34
C ALA A 88 -6.90 -26.20 8.90
N ILE A 89 -7.43 -25.30 8.09
CA ILE A 89 -6.96 -25.10 6.71
C ILE A 89 -5.50 -24.63 6.71
N GLU A 90 -5.19 -23.70 7.60
CA GLU A 90 -3.83 -23.17 7.72
C GLU A 90 -2.82 -24.22 8.15
N MET A 91 -3.19 -25.05 9.13
CA MET A 91 -2.33 -26.16 9.51
C MET A 91 -2.08 -27.11 8.33
N VAL A 92 -3.14 -27.49 7.62
CA VAL A 92 -3.01 -28.39 6.48
C VAL A 92 -2.14 -27.76 5.37
N LYS A 93 -2.38 -26.48 5.10
CA LYS A 93 -1.65 -25.79 4.04
C LYS A 93 -0.15 -25.76 4.28
N VAL A 94 0.30 -25.40 5.48
CA VAL A 94 1.77 -25.41 5.77
C VAL A 94 2.41 -26.79 5.68
N ILE A 95 1.71 -27.81 6.16
CA ILE A 95 2.13 -29.20 5.98
C ILE A 95 2.25 -29.52 4.49
N LEU A 96 1.21 -29.21 3.70
CA LEU A 96 1.26 -29.44 2.24
C LEU A 96 2.37 -28.64 1.53
N GLU A 97 2.61 -27.42 1.98
CA GLU A 97 3.64 -26.59 1.39
C GLU A 97 5.02 -27.15 1.74
N PHE A 98 5.20 -27.52 2.99
CA PHE A 98 6.47 -28.10 3.42
C PHE A 98 6.87 -29.28 2.54
N PHE A 99 5.95 -30.21 2.32
CA PHE A 99 6.25 -31.40 1.50
C PHE A 99 6.14 -31.17 -0.01
N PHE A 100 5.18 -30.36 -0.46
CA PHE A 100 4.83 -30.30 -1.88
C PHE A 100 4.82 -28.92 -2.52
N GLU A 101 5.52 -27.92 -1.99
CA GLU A 101 5.44 -26.56 -2.54
C GLU A 101 5.75 -26.46 -4.04
N PHE A 102 6.70 -27.26 -4.50
CA PHE A 102 7.18 -27.20 -5.88
C PHE A 102 6.69 -28.34 -6.76
N LYS A 103 5.77 -29.15 -6.24
CA LYS A 103 5.16 -30.23 -7.02
C LYS A 103 3.70 -29.84 -7.46
N ASN A 104 3.39 -30.16 -8.72
CA ASN A 104 2.04 -30.02 -9.30
C ASN A 104 1.06 -30.86 -8.49
N PRO A 105 -0.17 -30.40 -8.22
CA PRO A 105 -0.71 -29.13 -8.71
C PRO A 105 -0.51 -27.96 -7.73
N SER A 106 0.38 -28.09 -6.74
CA SER A 106 0.52 -27.02 -5.76
C SER A 106 1.34 -25.85 -6.37
N MET A 107 2.29 -26.18 -7.25
CA MET A 107 2.86 -25.23 -8.18
C MET A 107 2.54 -25.64 -9.62
N LEU A 108 2.02 -24.70 -10.40
CA LEU A 108 1.75 -24.91 -11.82
C LEU A 108 2.95 -24.42 -12.64
N TYR A 109 3.45 -25.27 -13.54
CA TYR A 109 4.56 -24.95 -14.41
C TYR A 109 3.95 -24.70 -15.78
N LEU A 110 3.92 -23.43 -16.20
CA LEU A 110 3.19 -23.07 -17.41
C LEU A 110 4.07 -23.05 -18.65
N ALA A 111 3.45 -23.27 -19.80
CA ALA A 111 4.13 -23.17 -21.11
C ALA A 111 4.70 -21.77 -21.39
N THR A 112 4.28 -20.77 -20.63
CA THR A 112 4.88 -19.45 -20.65
C THR A 112 6.29 -19.44 -20.07
N GLY A 113 6.66 -20.50 -19.33
CA GLY A 113 7.98 -20.58 -18.68
C GLY A 113 7.91 -20.25 -17.21
N HIS A 114 6.80 -19.67 -16.79
CA HIS A 114 6.59 -19.23 -15.42
C HIS A 114 5.93 -20.31 -14.56
N ARG A 115 6.10 -20.15 -13.25
CA ARG A 115 5.62 -21.06 -12.22
C ARG A 115 4.67 -20.33 -11.29
N VAL A 116 3.44 -20.82 -11.17
CA VAL A 116 2.37 -20.17 -10.42
C VAL A 116 2.06 -20.97 -9.16
N GLN A 117 2.14 -20.32 -8.01
CA GLN A 117 1.87 -20.95 -6.72
C GLN A 117 0.36 -21.08 -6.45
N TRP A 118 -0.23 -22.07 -7.12
CA TRP A 118 -1.68 -22.31 -7.02
C TRP A 118 -2.15 -22.65 -5.62
N LEU A 119 -1.32 -23.36 -4.87
CA LEU A 119 -1.58 -23.64 -3.45
C LEU A 119 -1.82 -22.36 -2.65
N ARG A 120 -1.06 -21.32 -2.92
CA ARG A 120 -1.24 -20.03 -2.27
C ARG A 120 -2.65 -19.53 -2.51
N TYR A 121 -3.01 -19.41 -3.78
CA TYR A 121 -4.28 -18.79 -4.15
C TYR A 121 -5.48 -19.66 -3.78
N ALA A 122 -5.33 -20.98 -3.90
CA ALA A 122 -6.40 -21.91 -3.53
C ALA A 122 -6.76 -21.73 -2.08
N GLU A 123 -5.74 -21.68 -1.24
CA GLU A 123 -5.92 -21.47 0.20
C GLU A 123 -6.66 -20.18 0.52
N TRP A 124 -6.35 -19.09 -0.19
CA TRP A 124 -7.06 -17.81 0.02
C TRP A 124 -8.58 -17.90 -0.20
N LEU A 125 -9.00 -18.57 -1.27
CA LEU A 125 -10.41 -18.78 -1.55
C LEU A 125 -11.12 -19.56 -0.44
N LEU A 126 -10.41 -20.51 0.18
CA LEU A 126 -10.99 -21.28 1.28
C LEU A 126 -11.06 -20.48 2.60
N THR A 127 -10.04 -19.67 2.89
CA THR A 127 -9.94 -19.02 4.20
C THR A 127 -10.40 -17.58 4.26
N CYS A 128 -10.17 -16.80 3.20
CA CYS A 128 -10.47 -15.37 3.26
C CYS A 128 -11.95 -15.07 3.46
N PRO A 129 -12.83 -15.79 2.73
CA PRO A 129 -14.28 -15.56 2.92
C PRO A 129 -14.74 -15.85 4.36
N VAL A 130 -14.20 -16.91 4.95
CA VAL A 130 -14.53 -17.26 6.33
C VAL A 130 -14.08 -16.16 7.30
N ILE A 131 -12.90 -15.60 7.07
CA ILE A 131 -12.45 -14.45 7.86
C ILE A 131 -13.44 -13.29 7.72
N LEU A 132 -13.88 -13.01 6.50
CA LEU A 132 -14.86 -11.92 6.27
C LEU A 132 -16.23 -12.21 6.89
N ILE A 133 -16.61 -13.48 6.93
CA ILE A 133 -17.82 -13.91 7.63
C ILE A 133 -17.67 -13.67 9.13
N HIS A 134 -16.51 -14.04 9.66
CA HIS A 134 -16.19 -13.69 11.04
C HIS A 134 -16.29 -12.18 11.26
N LEU A 135 -15.70 -11.39 10.36
CA LEU A 135 -15.74 -9.93 10.47
C LEU A 135 -17.16 -9.34 10.45
N SER A 136 -18.06 -9.96 9.69
CA SER A 136 -19.48 -9.54 9.64
C SER A 136 -20.30 -9.80 10.90
N ASN A 137 -19.78 -10.65 11.79
CA ASN A 137 -20.39 -10.93 13.09
C ASN A 137 -19.29 -10.93 14.15
N LEU A 138 -18.71 -9.76 14.39
CA LEU A 138 -17.58 -9.63 15.35
C LEU A 138 -17.93 -10.04 16.77
N THR A 139 -19.13 -9.67 17.21
CA THR A 139 -19.59 -9.92 18.58
C THR A 139 -19.96 -11.38 18.81
N GLY A 140 -20.21 -12.12 17.72
CA GLY A 140 -20.67 -13.51 17.81
C GLY A 140 -22.13 -13.67 18.18
N LEU A 141 -22.86 -12.55 18.32
CA LEU A 141 -24.18 -12.57 18.94
C LEU A 141 -25.27 -12.87 17.93
N SER A 142 -25.29 -12.11 16.84
CA SER A 142 -26.39 -12.21 15.89
C SER A 142 -26.36 -13.54 15.12
N ASN A 143 -27.50 -13.92 14.59
CA ASN A 143 -27.63 -15.02 13.63
C ASN A 143 -27.62 -14.50 12.18
N ASP A 144 -27.97 -13.21 11.99
CA ASP A 144 -28.16 -12.65 10.65
C ASP A 144 -26.93 -11.91 10.12
N TYR A 145 -26.86 -11.85 8.79
CA TYR A 145 -25.83 -11.10 8.08
C TYR A 145 -26.49 -10.14 7.09
N SER A 146 -25.99 -8.91 7.04
CA SER A 146 -26.55 -7.85 6.17
C SER A 146 -26.15 -8.00 4.69
N ARG A 147 -26.72 -7.14 3.85
CA ARG A 147 -26.31 -6.97 2.45
C ARG A 147 -24.83 -6.60 2.29
N ARG A 148 -24.24 -5.90 3.27
CA ARG A 148 -22.80 -5.60 3.30
C ARG A 148 -21.97 -6.86 3.21
N THR A 149 -22.36 -7.89 3.95
CA THR A 149 -21.65 -9.18 3.98
C THR A 149 -21.53 -9.80 2.60
N MET A 150 -22.63 -9.76 1.86
CA MET A 150 -22.69 -10.36 0.54
C MET A 150 -21.77 -9.61 -0.38
N GLY A 151 -21.86 -8.28 -0.35
CA GLY A 151 -20.99 -7.44 -1.19
C GLY A 151 -19.53 -7.61 -0.82
N LEU A 152 -19.26 -7.74 0.47
CA LEU A 152 -17.92 -7.96 0.97
C LEU A 152 -17.37 -9.30 0.45
N LEU A 153 -18.17 -10.36 0.57
CA LEU A 153 -17.74 -11.71 0.14
C LEU A 153 -17.49 -11.81 -1.34
N VAL A 154 -18.45 -11.33 -2.12
CA VAL A 154 -18.33 -11.32 -3.58
C VAL A 154 -17.09 -10.56 -4.08
N SER A 155 -16.80 -9.41 -3.49
CA SER A 155 -15.65 -8.60 -3.88
C SER A 155 -14.34 -9.27 -3.53
N ASP A 156 -14.30 -10.01 -2.42
CA ASP A 156 -13.06 -10.69 -2.05
C ASP A 156 -12.77 -11.91 -2.93
N ILE A 157 -13.79 -12.68 -3.28
CA ILE A 157 -13.59 -13.83 -4.16
C ILE A 157 -13.04 -13.31 -5.49
N GLY A 158 -13.69 -12.29 -6.03
CA GLY A 158 -13.24 -11.67 -7.27
C GLY A 158 -11.79 -11.19 -7.20
N THR A 159 -11.44 -10.52 -6.10
CA THR A 159 -10.05 -10.07 -5.92
C THR A 159 -9.04 -11.18 -6.14
N ILE A 160 -9.29 -12.31 -5.48
CA ILE A 160 -8.42 -13.47 -5.55
C ILE A 160 -8.40 -14.01 -6.98
N VAL A 161 -9.58 -14.08 -7.59
CA VAL A 161 -9.68 -14.56 -8.95
C VAL A 161 -8.85 -13.72 -9.90
N TRP A 162 -8.97 -12.40 -9.77
CA TRP A 162 -8.19 -11.51 -10.65
C TRP A 162 -6.71 -11.60 -10.36
N GLY A 163 -6.36 -11.68 -9.07
CA GLY A 163 -4.96 -11.79 -8.67
C GLY A 163 -4.29 -13.07 -9.17
N ALA A 164 -4.96 -14.20 -8.99
CA ALA A 164 -4.49 -15.49 -9.50
C ALA A 164 -4.31 -15.44 -11.01
N THR A 165 -5.32 -14.92 -11.70
CA THR A 165 -5.26 -14.77 -13.17
C THR A 165 -4.08 -13.88 -13.61
N SER A 166 -3.85 -12.80 -12.87
CA SER A 166 -2.70 -11.93 -13.14
C SER A 166 -1.38 -12.71 -13.02
N ALA A 167 -1.23 -13.49 -11.95
CA ALA A 167 -0.04 -14.31 -11.76
C ALA A 167 0.21 -15.31 -12.90
N MET A 168 -0.87 -15.85 -13.43
CA MET A 168 -0.82 -16.77 -14.56
C MET A 168 -0.53 -16.00 -15.84
N ALA A 169 -0.99 -14.76 -15.92
CA ALA A 169 -0.83 -13.99 -17.17
C ALA A 169 0.62 -13.62 -17.46
N THR A 170 0.83 -13.13 -18.68
CA THR A 170 2.14 -12.66 -19.15
C THR A 170 1.93 -11.28 -19.81
N GLY A 171 2.99 -10.48 -19.88
CA GLY A 171 2.92 -9.16 -20.53
C GLY A 171 2.03 -8.13 -19.85
N TYR A 172 1.35 -7.31 -20.65
CA TYR A 172 0.57 -6.17 -20.11
C TYR A 172 -0.82 -6.64 -19.67
N VAL A 173 -1.25 -7.76 -20.21
CA VAL A 173 -2.45 -8.44 -19.75
C VAL A 173 -2.38 -8.70 -18.24
N LYS A 174 -1.20 -9.06 -17.75
CA LYS A 174 -0.92 -9.18 -16.32
C LYS A 174 -1.28 -7.91 -15.54
N VAL A 175 -0.95 -6.74 -16.12
CA VAL A 175 -1.21 -5.47 -15.42
C VAL A 175 -2.71 -5.21 -15.38
N ILE A 176 -3.41 -5.55 -16.46
CA ILE A 176 -4.86 -5.33 -16.53
C ILE A 176 -5.56 -6.14 -15.46
N PHE A 177 -5.23 -7.43 -15.33
CA PHE A 177 -5.89 -8.30 -14.35
C PHE A 177 -5.58 -7.90 -12.92
N PHE A 178 -4.35 -7.44 -12.69
CA PHE A 178 -3.97 -6.93 -11.39
C PHE A 178 -4.79 -5.69 -11.04
N CYS A 179 -5.04 -4.83 -12.03
CA CYS A 179 -5.90 -3.66 -11.83
C CYS A 179 -7.32 -4.04 -11.45
N LEU A 180 -7.89 -5.04 -12.11
CA LEU A 180 -9.20 -5.56 -11.70
C LEU A 180 -9.16 -6.06 -10.26
N GLY A 181 -8.05 -6.69 -9.86
CA GLY A 181 -7.85 -7.10 -8.48
C GLY A 181 -7.84 -5.94 -7.51
N LEU A 182 -7.17 -4.85 -7.88
CA LEU A 182 -7.15 -3.63 -7.07
C LEU A 182 -8.53 -2.99 -6.92
N CYS A 183 -9.31 -3.01 -8.00
CA CYS A 183 -10.69 -2.49 -7.97
C CYS A 183 -11.59 -3.31 -7.08
N TYR A 184 -11.57 -4.62 -7.31
CA TYR A 184 -12.31 -5.52 -6.43
C TYR A 184 -11.79 -5.42 -5.01
N GLY A 185 -10.46 -5.36 -4.87
CA GLY A 185 -9.79 -5.29 -3.58
C GLY A 185 -10.16 -4.05 -2.78
N ALA A 186 -10.23 -2.90 -3.48
CA ALA A 186 -10.60 -1.64 -2.84
C ALA A 186 -12.01 -1.69 -2.30
N ASN A 187 -12.91 -2.31 -3.07
CA ASN A 187 -14.28 -2.53 -2.64
C ASN A 187 -14.33 -3.36 -1.35
N THR A 188 -13.52 -4.41 -1.27
CA THR A 188 -13.45 -5.26 -0.08
C THR A 188 -12.98 -4.47 1.16
N PHE A 189 -11.91 -3.70 0.99
CA PHE A 189 -11.37 -2.87 2.07
C PHE A 189 -12.37 -1.81 2.52
N PHE A 190 -13.06 -1.21 1.55
CA PHE A 190 -14.13 -0.25 1.84
C PHE A 190 -15.23 -0.83 2.73
N HIS A 191 -15.80 -1.96 2.30
CA HIS A 191 -16.81 -2.64 3.10
C HIS A 191 -16.26 -3.13 4.43
N ALA A 192 -15.04 -3.63 4.43
CA ALA A 192 -14.38 -4.10 5.66
C ALA A 192 -14.23 -2.98 6.69
N ALA A 193 -13.77 -1.82 6.21
CA ALA A 193 -13.68 -0.63 7.04
C ALA A 193 -15.03 -0.31 7.69
N LYS A 194 -16.11 -0.36 6.91
CA LYS A 194 -17.43 -0.05 7.44
C LYS A 194 -17.82 -1.05 8.54
N ALA A 195 -17.54 -2.33 8.31
CA ALA A 195 -17.84 -3.36 9.29
C ALA A 195 -17.07 -3.08 10.57
N TYR A 196 -15.79 -2.74 10.46
CA TYR A 196 -15.00 -2.39 11.64
C TYR A 196 -15.57 -1.19 12.40
N ILE A 197 -15.95 -0.14 11.67
CA ILE A 197 -16.51 1.08 12.28
C ILE A 197 -17.84 0.83 12.97
N GLU A 198 -18.74 0.13 12.28
CA GLU A 198 -20.01 -0.30 12.91
C GLU A 198 -19.77 -1.22 14.10
N GLY A 199 -18.79 -2.10 13.99
CA GLY A 199 -18.40 -3.00 15.08
C GLY A 199 -17.86 -2.26 16.29
N TYR A 200 -17.05 -1.24 16.05
CA TYR A 200 -16.49 -0.40 17.12
C TYR A 200 -17.60 0.25 17.95
N HIS A 201 -18.59 0.85 17.26
CA HIS A 201 -19.73 1.49 17.91
C HIS A 201 -20.68 0.50 18.57
N THR A 202 -20.80 -0.70 18.01
CA THR A 202 -21.64 -1.75 18.56
C THR A 202 -21.09 -2.37 19.86
N VAL A 203 -19.78 -2.59 19.96
CA VAL A 203 -19.19 -3.22 21.17
C VAL A 203 -19.17 -2.22 22.36
N PRO A 204 -19.11 -2.74 23.62
CA PRO A 204 -19.04 -1.92 24.82
C PRO A 204 -17.75 -1.11 24.95
N LYS A 205 -17.83 -0.02 25.70
CA LYS A 205 -16.85 1.07 25.67
C LYS A 205 -15.42 0.81 26.14
N GLY A 206 -15.17 -0.28 26.86
CA GLY A 206 -13.82 -0.50 27.43
C GLY A 206 -12.80 -1.25 26.58
N ARG A 207 -12.34 -2.40 27.11
CA ARG A 207 -11.38 -3.28 26.44
C ARG A 207 -11.86 -3.77 25.07
N CYS A 208 -13.16 -4.01 24.91
CA CYS A 208 -13.73 -4.51 23.67
C CYS A 208 -13.42 -3.61 22.46
N ARG A 209 -13.62 -2.31 22.63
CA ARG A 209 -13.26 -1.32 21.62
C ARG A 209 -11.78 -1.29 21.34
N GLN A 210 -10.96 -1.45 22.38
CA GLN A 210 -9.50 -1.50 22.21
C GLN A 210 -9.11 -2.71 21.37
N VAL A 211 -9.79 -3.83 21.63
CA VAL A 211 -9.59 -5.06 20.86
C VAL A 211 -10.01 -4.91 19.39
N VAL A 212 -11.18 -4.30 19.15
CA VAL A 212 -11.63 -4.08 17.76
C VAL A 212 -10.65 -3.23 16.97
N THR A 213 -10.14 -2.18 17.64
CA THR A 213 -9.10 -1.33 17.04
C THR A 213 -7.84 -2.13 16.72
N GLY A 214 -7.44 -3.00 17.63
CA GLY A 214 -6.30 -3.87 17.42
C GLY A 214 -6.53 -4.81 16.24
N MET A 215 -7.72 -5.40 16.18
CA MET A 215 -8.12 -6.25 15.06
C MET A 215 -8.06 -5.52 13.72
N ALA A 216 -8.58 -4.28 13.71
CA ALA A 216 -8.56 -3.47 12.49
C ALA A 216 -7.14 -3.16 12.03
N TRP A 217 -6.30 -2.73 12.96
CA TRP A 217 -4.88 -2.48 12.66
C TRP A 217 -4.21 -3.72 12.09
N LEU A 218 -4.39 -4.84 12.76
CA LEU A 218 -3.80 -6.13 12.35
C LEU A 218 -4.30 -6.56 10.98
N PHE A 219 -5.59 -6.40 10.76
CA PHE A 219 -6.23 -6.76 9.50
C PHE A 219 -5.71 -5.96 8.33
N PHE A 220 -5.69 -4.64 8.42
CA PHE A 220 -5.37 -3.82 7.24
C PHE A 220 -3.90 -3.87 6.85
N VAL A 221 -3.03 -3.93 7.85
CA VAL A 221 -1.60 -4.10 7.63
C VAL A 221 -1.30 -5.45 6.99
N SER A 222 -1.88 -6.52 7.52
CA SER A 222 -1.61 -7.87 6.99
C SER A 222 -2.21 -8.08 5.62
N TRP A 223 -3.47 -7.66 5.45
CA TRP A 223 -4.15 -7.78 4.16
C TRP A 223 -3.51 -6.90 3.11
N GLY A 224 -3.09 -5.68 3.51
CA GLY A 224 -2.38 -4.80 2.60
C GLY A 224 -1.05 -5.34 2.09
N MET A 225 -0.40 -6.18 2.88
CA MET A 225 0.89 -6.75 2.49
C MET A 225 0.83 -7.71 1.32
N PHE A 226 -0.28 -8.46 1.20
CA PHE A 226 -0.46 -9.43 0.12
C PHE A 226 -0.22 -8.89 -1.30
N PRO A 227 -0.93 -7.83 -1.71
CA PRO A 227 -0.61 -7.20 -3.00
C PRO A 227 0.83 -6.68 -3.12
N ILE A 228 1.42 -6.25 -2.00
CA ILE A 228 2.80 -5.77 -2.00
C ILE A 228 3.73 -6.94 -2.30
N LEU A 229 3.56 -8.04 -1.60
CA LEU A 229 4.38 -9.23 -1.82
C LEU A 229 4.23 -9.82 -3.21
N PHE A 230 3.02 -9.73 -3.74
CA PHE A 230 2.73 -10.18 -5.09
C PHE A 230 3.63 -9.43 -6.05
N ILE A 231 3.61 -8.09 -5.97
CA ILE A 231 4.46 -7.25 -6.84
C ILE A 231 5.95 -7.60 -6.71
N LEU A 232 6.41 -7.79 -5.48
CA LEU A 232 7.80 -8.09 -5.21
C LEU A 232 8.23 -9.50 -5.62
N GLY A 233 7.30 -10.45 -5.62
CA GLY A 233 7.61 -11.84 -5.93
C GLY A 233 7.79 -12.17 -7.40
N PRO A 234 8.06 -13.46 -7.72
CA PRO A 234 8.23 -14.00 -9.10
C PRO A 234 7.08 -13.68 -10.09
N GLU A 235 5.86 -13.72 -9.60
CA GLU A 235 4.66 -13.31 -10.32
C GLU A 235 4.65 -11.82 -10.67
N GLY A 236 5.38 -11.02 -9.89
CA GLY A 236 5.56 -9.61 -10.16
C GLY A 236 6.91 -9.34 -10.80
N PHE A 237 7.68 -8.46 -10.17
CA PHE A 237 8.99 -8.04 -10.67
C PHE A 237 10.17 -8.91 -10.24
N GLY A 238 9.92 -9.95 -9.46
CA GLY A 238 10.93 -10.91 -9.06
C GLY A 238 12.05 -10.33 -8.21
N VAL A 239 11.73 -9.34 -7.39
CA VAL A 239 12.67 -8.84 -6.40
C VAL A 239 12.96 -9.96 -5.41
N LEU A 240 11.90 -10.61 -4.93
CA LEU A 240 12.01 -11.75 -4.04
C LEU A 240 11.97 -13.02 -4.85
N SER A 241 12.66 -14.03 -4.35
CA SER A 241 12.63 -15.40 -4.89
C SER A 241 11.37 -16.11 -4.42
N VAL A 242 11.18 -17.32 -4.92
CA VAL A 242 10.05 -18.16 -4.47
C VAL A 242 10.15 -18.37 -2.97
N TYR A 243 11.30 -18.84 -2.51
CA TYR A 243 11.51 -19.00 -1.06
C TYR A 243 11.36 -17.68 -0.30
N GLY A 244 11.89 -16.59 -0.86
CA GLY A 244 11.77 -15.28 -0.22
C GLY A 244 10.33 -14.81 -0.05
N SER A 245 9.57 -14.96 -1.13
CA SER A 245 8.13 -14.70 -1.13
C SER A 245 7.42 -15.57 -0.08
N THR A 246 7.79 -16.86 -0.04
CA THR A 246 7.25 -17.79 0.94
C THR A 246 7.50 -17.37 2.40
N VAL A 247 8.71 -16.89 2.67
CA VAL A 247 9.05 -16.37 4.00
C VAL A 247 8.09 -15.25 4.38
N GLY A 248 7.97 -14.25 3.52
CA GLY A 248 7.10 -13.11 3.77
C GLY A 248 5.63 -13.49 3.90
N HIS A 249 5.16 -14.31 2.98
CA HIS A 249 3.78 -14.80 3.05
C HIS A 249 3.46 -15.57 4.35
N THR A 250 4.36 -16.42 4.82
CA THR A 250 4.14 -17.14 6.09
C THR A 250 3.96 -16.21 7.32
N ILE A 251 4.76 -15.15 7.40
CA ILE A 251 4.61 -14.16 8.48
C ILE A 251 3.23 -13.47 8.44
N ILE A 252 2.80 -13.00 7.25
CA ILE A 252 1.51 -12.31 7.14
C ILE A 252 0.32 -13.28 7.21
N ASP A 253 0.56 -14.53 6.83
CA ASP A 253 -0.40 -15.61 7.04
C ASP A 253 -0.66 -15.78 8.53
N LEU A 254 0.39 -15.88 9.32
CA LEU A 254 0.23 -15.96 10.79
C LEU A 254 -0.49 -14.78 11.38
N MET A 255 -0.17 -13.57 10.87
CA MET A 255 -0.83 -12.36 11.32
C MET A 255 -2.31 -12.39 10.97
N SER A 256 -2.62 -12.59 9.70
CA SER A 256 -3.99 -12.48 9.20
C SER A 256 -4.90 -13.62 9.64
N ASN A 258 -4.06 -16.75 12.09
CA ASN A 258 -3.99 -17.27 13.46
C ASN A 258 -4.20 -16.18 14.51
N CYS A 259 -3.40 -15.12 14.42
CA CYS A 259 -3.43 -14.06 15.42
C CYS A 259 -4.73 -13.28 15.39
N TRP A 260 -5.19 -12.94 14.19
CA TRP A 260 -6.45 -12.18 14.05
C TRP A 260 -7.62 -13.01 14.56
N GLY A 261 -7.61 -14.30 14.27
CA GLY A 261 -8.60 -15.25 14.79
C GLY A 261 -8.62 -15.32 16.31
N LEU A 262 -7.43 -15.38 16.90
CA LEU A 262 -7.28 -15.41 18.37
C LEU A 262 -7.82 -14.14 19.03
N LEU A 263 -7.54 -13.00 18.43
CA LEU A 263 -8.06 -11.72 18.90
C LEU A 263 -9.58 -11.69 18.79
N GLY A 264 -10.09 -12.08 17.64
CA GLY A 264 -11.53 -12.16 17.41
C GLY A 264 -12.23 -13.09 18.39
N HIS A 265 -11.60 -14.22 18.71
CA HIS A 265 -12.07 -15.11 19.75
C HIS A 265 -12.15 -14.40 21.10
N TYR A 266 -11.04 -13.76 21.49
CA TYR A 266 -10.96 -13.00 22.73
C TYR A 266 -12.05 -11.93 22.82
N LEU A 267 -12.30 -11.22 21.71
CA LEU A 267 -13.37 -10.23 21.66
C LEU A 267 -14.71 -10.86 21.99
N ARG A 268 -15.00 -11.99 21.34
CA ARG A 268 -16.25 -12.73 21.57
C ARG A 268 -16.42 -13.16 23.02
N VAL A 269 -15.32 -13.61 23.62
CA VAL A 269 -15.28 -13.92 25.05
C VAL A 269 -15.64 -12.69 25.91
N LEU A 270 -15.00 -11.55 25.64
CA LEU A 270 -15.32 -10.33 26.37
C LEU A 270 -16.79 -9.93 26.26
N ILE A 271 -17.37 -10.06 25.05
CA ILE A 271 -18.79 -9.71 24.84
C ILE A 271 -19.67 -10.59 25.73
N HIS A 272 -19.36 -11.88 25.76
CA HIS A 272 -20.08 -12.83 26.60
C HIS A 272 -19.95 -12.44 28.09
N GLU A 273 -18.72 -12.20 28.55
CA GLU A 273 -18.45 -11.84 29.93
C GLU A 273 -19.14 -10.53 30.34
N HIS A 274 -19.16 -9.57 29.41
CA HIS A 274 -19.84 -8.28 29.63
C HIS A 274 -21.37 -8.42 29.71
N ILE A 275 -21.99 -9.15 28.78
CA ILE A 275 -23.47 -9.24 28.76
C ILE A 275 -24.08 -9.88 30.01
N LEU A 276 -23.39 -10.88 30.58
CA LEU A 276 -23.85 -11.51 31.83
C LEU A 276 -23.98 -10.49 32.96
N ILE A 277 -22.94 -9.66 33.10
CA ILE A 277 -22.86 -8.65 34.15
C ILE A 277 -23.75 -7.44 33.85
N HIS A 278 -23.72 -6.96 32.62
CA HIS A 278 -24.34 -5.66 32.27
C HIS A 278 -25.65 -5.76 31.49
N GLY A 279 -26.00 -6.95 30.98
CA GLY A 279 -27.22 -7.15 30.16
C GLY A 279 -27.29 -6.36 28.88
N GLU B 31 -29.71 35.38 4.60
CA GLU B 31 -28.56 36.26 5.01
C GLU B 31 -27.67 36.58 3.80
N ASP B 32 -26.60 37.34 4.01
CA ASP B 32 -25.68 37.73 2.93
C ASP B 32 -24.50 36.77 2.71
N GLN B 33 -24.46 35.68 3.49
CA GLN B 33 -23.38 34.70 3.42
C GLN B 33 -23.94 33.27 3.61
N CYS B 34 -23.05 32.28 3.74
CA CYS B 34 -23.43 30.86 3.76
C CYS B 34 -23.20 30.20 5.10
N TYR B 35 -24.03 29.21 5.40
CA TYR B 35 -23.89 28.40 6.60
C TYR B 35 -23.57 26.95 6.23
N CYS B 36 -22.63 26.35 6.96
CA CYS B 36 -22.51 24.90 6.95
C CYS B 36 -21.80 24.36 8.19
N ALA B 37 -22.35 23.29 8.76
CA ALA B 37 -21.81 22.67 9.96
C ALA B 37 -20.42 22.11 9.71
N GLY B 38 -20.25 21.42 8.57
CA GLY B 38 -19.01 20.74 8.23
C GLY B 38 -17.79 21.65 8.08
N TRP B 39 -18.01 22.88 7.61
CA TRP B 39 -16.91 23.85 7.43
C TRP B 39 -16.25 24.35 8.73
N ILE B 40 -16.89 24.07 9.85
CA ILE B 40 -16.52 24.49 11.20
C ILE B 40 -16.02 23.32 12.07
N GLU B 41 -16.03 22.10 11.53
CA GLU B 41 -15.47 20.96 12.26
C GLU B 41 -14.02 21.23 12.69
N SER B 42 -13.59 20.62 13.80
CA SER B 42 -12.23 20.76 14.27
C SER B 42 -11.23 20.39 13.19
N ARG B 43 -10.15 21.15 13.12
CA ARG B 43 -9.05 20.88 12.18
C ARG B 43 -8.05 19.88 12.75
N GLY B 44 -8.19 19.59 14.04
CA GLY B 44 -7.32 18.68 14.74
C GLY B 44 -6.95 19.24 16.10
N THR B 45 -6.11 18.52 16.82
CA THR B 45 -5.70 18.90 18.16
C THR B 45 -4.58 19.95 18.11
N ASN B 46 -4.38 20.65 19.22
CA ASN B 46 -3.35 21.71 19.29
C ASN B 46 -1.94 21.13 19.10
N GLY B 47 -1.73 19.92 19.61
CA GLY B 47 -0.45 19.22 19.41
C GLY B 47 -0.20 18.89 17.95
N ALA B 48 -1.25 18.42 17.27
CA ALA B 48 -1.19 18.15 15.83
C ALA B 48 -0.96 19.45 15.05
N GLN B 49 -1.68 20.51 15.42
CA GLN B 49 -1.45 21.84 14.84
C GLN B 49 0.00 22.31 15.01
N THR B 50 0.51 22.20 16.23
CA THR B 50 1.86 22.65 16.54
C THR B 50 2.89 21.81 15.76
N ALA B 51 2.72 20.48 15.80
CA ALA B 51 3.53 19.56 15.00
C ALA B 51 3.52 19.94 13.51
N SER B 52 2.33 20.23 13.01
CA SER B 52 2.15 20.60 11.62
C SER B 52 2.91 21.88 11.31
N ASN B 53 2.66 22.92 12.11
CA ASN B 53 3.39 24.19 11.96
C ASN B 53 4.90 24.03 12.03
N VAL B 54 5.38 23.24 12.99
CA VAL B 54 6.82 22.99 13.11
C VAL B 54 7.41 22.37 11.82
N LEU B 55 6.77 21.33 11.30
CA LEU B 55 7.26 20.68 10.07
C LEU B 55 7.24 21.59 8.83
N GLN B 56 6.34 22.57 8.80
CA GLN B 56 6.32 23.56 7.71
C GLN B 56 7.61 24.38 7.70
N TRP B 57 8.01 24.84 8.89
CA TRP B 57 9.25 25.58 9.05
C TRP B 57 10.47 24.79 8.63
N LEU B 58 10.55 23.55 9.10
CA LEU B 58 11.63 22.65 8.70
C LEU B 58 11.64 22.43 7.19
N ALA B 59 10.47 22.16 6.63
CA ALA B 59 10.34 21.97 5.18
C ALA B 59 10.81 23.18 4.39
N ALA B 60 10.32 24.37 4.80
CA ALA B 60 10.77 25.66 4.22
C ALA B 60 12.27 25.87 4.29
N GLY B 61 12.80 25.74 5.51
CA GLY B 61 14.23 25.91 5.77
C GLY B 61 15.07 24.96 4.95
N PHE B 62 14.70 23.68 4.99
CA PHE B 62 15.37 22.66 4.20
C PHE B 62 15.31 22.98 2.70
N SER B 63 14.15 23.43 2.22
CA SER B 63 13.98 23.78 0.80
C SER B 63 14.83 25.00 0.40
N ILE B 64 14.89 26.02 1.24
CA ILE B 64 15.73 27.20 0.99
C ILE B 64 17.20 26.80 0.88
N LEU B 65 17.70 26.02 1.84
CA LEU B 65 19.11 25.55 1.79
C LEU B 65 19.39 24.70 0.54
N LEU B 66 18.46 23.81 0.21
CA LEU B 66 18.57 23.04 -1.04
C LEU B 66 18.52 23.93 -2.25
N LEU B 67 17.62 24.93 -2.24
CA LEU B 67 17.59 25.90 -3.35
C LEU B 67 18.91 26.66 -3.52
N MET B 68 19.45 27.14 -2.40
CA MET B 68 20.77 27.77 -2.39
C MET B 68 21.83 26.83 -2.94
N PHE B 69 21.87 25.60 -2.41
CA PHE B 69 22.83 24.58 -2.89
C PHE B 69 22.69 24.31 -4.40
N TYR B 70 21.46 24.13 -4.88
CA TYR B 70 21.24 23.88 -6.32
C TYR B 70 21.59 25.10 -7.20
N ALA B 71 21.14 26.28 -6.77
CA ALA B 71 21.50 27.54 -7.42
C ALA B 71 23.02 27.72 -7.49
N TYR B 72 23.70 27.42 -6.39
CA TYR B 72 25.17 27.39 -6.32
C TYR B 72 25.79 26.53 -7.41
N GLN B 73 25.23 25.35 -7.63
CA GLN B 73 25.67 24.44 -8.71
C GLN B 73 25.40 25.00 -10.11
N THR B 74 24.24 25.64 -10.33
CA THR B 74 23.90 26.27 -11.65
C THR B 74 25.00 27.21 -12.20
N TRP B 75 25.57 28.03 -11.31
CA TRP B 75 26.69 28.92 -11.63
C TRP B 75 28.03 28.18 -11.57
N LYS B 76 28.23 27.35 -10.54
CA LYS B 76 29.51 26.65 -10.30
C LYS B 76 29.79 25.41 -11.17
N SER B 77 28.74 24.70 -11.60
CA SER B 77 28.88 23.50 -12.47
C SER B 77 27.57 23.16 -13.22
N THR B 78 27.22 21.86 -13.33
CA THR B 78 26.01 21.42 -14.00
C THR B 78 24.96 20.97 -12.98
N CYS B 79 23.69 21.26 -13.26
CA CYS B 79 22.57 20.87 -12.40
C CYS B 79 21.26 20.82 -13.20
N GLY B 80 20.56 19.69 -13.15
CA GLY B 80 19.27 19.54 -13.81
C GLY B 80 18.20 20.50 -13.28
N TRP B 81 17.42 21.04 -14.17
CA TRP B 81 16.26 21.88 -13.84
C TRP B 81 15.16 21.19 -13.00
N GLU B 82 15.04 19.87 -13.13
CA GLU B 82 14.00 19.10 -12.39
C GLU B 82 14.14 19.20 -10.90
N GLU B 83 15.35 19.05 -10.39
CA GLU B 83 15.63 19.19 -8.96
C GLU B 83 15.27 20.59 -8.46
N ILE B 84 15.59 21.61 -9.26
CA ILE B 84 15.36 23.01 -8.90
C ILE B 84 13.88 23.41 -8.97
N TYR B 85 13.21 23.05 -10.07
CA TYR B 85 11.81 23.41 -10.27
C TYR B 85 10.95 22.81 -9.18
N VAL B 86 11.19 21.54 -8.89
CA VAL B 86 10.45 20.82 -7.87
C VAL B 86 10.67 21.44 -6.49
N CYS B 87 11.92 21.72 -6.17
CA CYS B 87 12.27 22.33 -4.88
C CYS B 87 11.67 23.74 -4.69
N ALA B 88 11.68 24.55 -5.75
CA ALA B 88 11.09 25.89 -5.71
C ALA B 88 9.58 25.83 -5.45
N ILE B 89 8.89 24.90 -6.10
CA ILE B 89 7.46 24.69 -5.89
C ILE B 89 7.19 24.25 -4.45
N GLU B 90 8.02 23.33 -3.95
CA GLU B 90 7.89 22.82 -2.59
C GLU B 90 8.09 23.90 -1.54
N MET B 91 9.09 24.75 -1.72
CA MET B 91 9.30 25.88 -0.83
C MET B 91 8.08 26.81 -0.83
N VAL B 92 7.58 27.16 -2.00
CA VAL B 92 6.42 28.06 -2.11
C VAL B 92 5.18 27.43 -1.46
N LYS B 93 4.98 26.14 -1.72
CA LYS B 93 3.80 25.46 -1.21
C LYS B 93 3.71 25.48 0.32
N VAL B 94 4.79 25.16 1.02
CA VAL B 94 4.81 25.16 2.49
C VAL B 94 4.59 26.56 3.08
N ILE B 95 5.19 27.56 2.45
CA ILE B 95 4.96 28.96 2.82
C ILE B 95 3.48 29.28 2.66
N LEU B 96 2.91 28.97 1.50
CA LEU B 96 1.46 29.21 1.26
C LEU B 96 0.56 28.42 2.21
N GLU B 97 0.94 27.20 2.54
CA GLU B 97 0.17 26.37 3.45
C GLU B 97 0.23 26.94 4.86
N PHE B 98 1.42 27.34 5.29
CA PHE B 98 1.58 27.93 6.60
C PHE B 98 0.59 29.09 6.82
N PHE B 99 0.54 30.02 5.88
CA PHE B 99 -0.31 31.21 5.99
C PHE B 99 -1.77 30.96 5.57
N PHE B 100 -1.98 30.14 4.54
CA PHE B 100 -3.31 30.05 3.90
C PHE B 100 -3.93 28.64 3.77
N GLU B 101 -3.53 27.67 4.59
CA GLU B 101 -4.03 26.30 4.44
C GLU B 101 -5.54 26.19 4.46
N PHE B 102 -6.20 26.99 5.29
CA PHE B 102 -7.65 26.86 5.52
C PHE B 102 -8.47 27.96 4.86
N LYS B 103 -7.84 28.77 4.04
CA LYS B 103 -8.47 29.79 3.23
C LYS B 103 -8.59 29.36 1.74
N ASN B 104 -9.78 29.63 1.17
CA ASN B 104 -10.08 29.46 -0.26
C ASN B 104 -9.11 30.33 -1.08
N PRO B 105 -8.60 29.85 -2.22
CA PRO B 105 -8.93 28.57 -2.83
C PRO B 105 -7.99 27.43 -2.43
N SER B 106 -7.20 27.60 -1.36
CA SER B 106 -6.24 26.55 -1.01
C SER B 106 -6.98 25.39 -0.30
N MET B 107 -8.02 25.72 0.46
CA MET B 107 -9.03 24.75 0.87
C MET B 107 -10.39 25.11 0.27
N LEU B 108 -11.03 24.14 -0.37
CA LEU B 108 -12.38 24.29 -0.92
C LEU B 108 -13.40 23.82 0.12
N TYR B 109 -14.40 24.66 0.40
CA TYR B 109 -15.47 24.36 1.33
C TYR B 109 -16.68 24.05 0.47
N LEU B 110 -17.07 22.78 0.41
CA LEU B 110 -18.10 22.38 -0.55
C LEU B 110 -19.48 22.34 0.08
N ALA B 111 -20.50 22.50 -0.76
CA ALA B 111 -21.90 22.39 -0.35
C ALA B 111 -22.26 21.00 0.20
N THR B 112 -21.40 20.01 -0.03
CA THR B 112 -21.51 18.70 0.58
C THR B 112 -21.21 18.74 2.07
N GLY B 113 -20.59 19.82 2.56
CA GLY B 113 -20.20 19.95 3.96
C GLY B 113 -18.73 19.66 4.18
N HIS B 114 -18.10 19.05 3.18
CA HIS B 114 -16.71 18.65 3.26
C HIS B 114 -15.75 19.73 2.74
N ARG B 115 -14.50 19.61 3.20
CA ARG B 115 -13.43 20.53 2.90
C ARG B 115 -12.31 19.80 2.16
N VAL B 116 -11.98 20.27 0.97
CA VAL B 116 -11.02 19.62 0.08
C VAL B 116 -9.75 20.44 0.00
N GLN B 117 -8.61 19.81 0.30
CA GLN B 117 -7.32 20.48 0.30
C GLN B 117 -6.76 20.60 -1.13
N TRP B 118 -7.34 21.55 -1.88
CA TRP B 118 -6.98 21.75 -3.29
C TRP B 118 -5.53 22.15 -3.49
N LEU B 119 -4.96 22.89 -2.53
CA LEU B 119 -3.52 23.14 -2.50
C LEU B 119 -2.69 21.86 -2.52
N ARG B 120 -3.16 20.81 -1.83
CA ARG B 120 -2.41 19.55 -1.88
C ARG B 120 -2.35 19.04 -3.32
N TYR B 121 -3.52 18.92 -3.91
CA TYR B 121 -3.64 18.27 -5.22
C TYR B 121 -3.06 19.11 -6.35
N ALA B 122 -3.20 20.44 -6.24
CA ALA B 122 -2.65 21.35 -7.24
C ALA B 122 -1.16 21.17 -7.35
N GLU B 123 -0.52 21.14 -6.19
CA GLU B 123 0.91 20.98 -6.06
C GLU B 123 1.39 19.67 -6.70
N TRP B 124 0.64 18.57 -6.50
CA TRP B 124 1.00 17.28 -7.13
C TRP B 124 1.07 17.34 -8.66
N LEU B 125 0.07 17.96 -9.29
CA LEU B 125 0.06 18.13 -10.75
C LEU B 125 1.27 18.90 -11.26
N LEU B 126 1.72 19.89 -10.48
CA LEU B 126 2.90 20.67 -10.89
C LEU B 126 4.22 19.91 -10.69
N THR B 127 4.34 19.14 -9.60
CA THR B 127 5.63 18.53 -9.24
C THR B 127 5.78 17.07 -9.63
N CYS B 128 4.72 16.28 -9.59
CA CYS B 128 4.87 14.84 -9.84
C CYS B 128 5.33 14.51 -11.24
N PRO B 129 4.77 15.20 -12.27
CA PRO B 129 5.25 14.94 -13.64
C PRO B 129 6.73 15.29 -13.83
N VAL B 130 7.20 16.36 -13.19
CA VAL B 130 8.60 16.73 -13.27
C VAL B 130 9.49 15.67 -12.63
N ILE B 131 9.05 15.11 -11.51
CA ILE B 131 9.77 13.98 -10.90
C ILE B 131 9.84 12.81 -11.87
N LEU B 132 8.73 12.50 -12.54
CA LEU B 132 8.71 11.40 -13.53
C LEU B 132 9.57 11.68 -14.75
N ILE B 133 9.66 12.95 -15.14
CA ILE B 133 10.57 13.38 -16.20
C ILE B 133 12.01 13.17 -15.77
N HIS B 134 12.31 13.55 -14.55
CA HIS B 134 13.62 13.26 -13.97
C HIS B 134 13.88 11.75 -13.99
N LEU B 135 12.91 10.95 -13.57
CA LEU B 135 13.05 9.50 -13.57
C LEU B 135 13.32 8.89 -14.95
N SER B 136 12.74 9.47 -15.99
CA SER B 136 12.94 9.01 -17.38
C SER B 136 14.33 9.30 -17.97
N ASN B 137 15.08 10.18 -17.33
CA ASN B 137 16.45 10.52 -17.68
C ASN B 137 17.30 10.57 -16.41
N LEU B 138 17.47 9.41 -15.77
CA LEU B 138 18.21 9.31 -14.50
C LEU B 138 19.67 9.75 -14.60
N THR B 139 20.32 9.41 -15.71
CA THR B 139 21.73 9.73 -15.93
C THR B 139 21.97 11.20 -16.26
N GLY B 140 20.92 11.90 -16.68
CA GLY B 140 21.03 13.29 -17.11
C GLY B 140 21.63 13.48 -18.50
N LEU B 141 21.95 12.38 -19.19
CA LEU B 141 22.79 12.43 -20.39
C LEU B 141 21.98 12.70 -21.63
N SER B 142 20.94 11.90 -21.86
CA SER B 142 20.18 11.96 -23.11
C SER B 142 19.37 13.25 -23.19
N ASN B 143 19.05 13.64 -24.42
CA ASN B 143 18.04 14.68 -24.69
C ASN B 143 16.68 14.07 -25.00
N ASP B 144 16.66 12.80 -25.43
CA ASP B 144 15.42 12.12 -25.84
C ASP B 144 14.79 11.28 -24.72
N TYR B 145 13.49 11.09 -24.85
CA TYR B 145 12.66 10.32 -23.93
C TYR B 145 11.82 9.35 -24.74
N SER B 146 11.66 8.12 -24.24
CA SER B 146 10.90 7.06 -24.94
C SER B 146 9.38 7.23 -24.84
N ARG B 147 8.65 6.36 -25.56
CA ARG B 147 7.18 6.23 -25.44
C ARG B 147 6.73 5.86 -24.01
N ARG B 148 7.58 5.15 -23.26
CA ARG B 148 7.34 4.88 -21.83
C ARG B 148 7.10 6.14 -21.03
N THR B 149 7.92 7.17 -21.28
CA THR B 149 7.81 8.45 -20.57
C THR B 149 6.43 9.08 -20.74
N MET B 150 5.91 9.02 -21.96
CA MET B 150 4.62 9.63 -22.26
C MET B 150 3.54 8.87 -21.52
N GLY B 151 3.59 7.55 -21.60
CA GLY B 151 2.62 6.72 -20.88
C GLY B 151 2.69 6.90 -19.38
N LEU B 152 3.91 7.03 -18.88
CA LEU B 152 4.15 7.28 -17.47
C LEU B 152 3.54 8.62 -17.06
N LEU B 153 3.80 9.67 -17.83
CA LEU B 153 3.30 11.01 -17.50
C LEU B 153 1.79 11.11 -17.54
N VAL B 154 1.19 10.61 -18.62
CA VAL B 154 -0.27 10.59 -18.78
C VAL B 154 -0.96 9.81 -17.65
N SER B 155 -0.41 8.65 -17.26
CA SER B 155 -1.00 7.85 -16.18
C SER B 155 -0.93 8.56 -14.82
N ASP B 156 0.14 9.31 -14.60
CA ASP B 156 0.26 10.02 -13.33
C ASP B 156 -0.67 11.23 -13.23
N ILE B 157 -0.83 11.98 -14.32
CA ILE B 157 -1.76 13.11 -14.32
C ILE B 157 -3.15 12.57 -14.02
N GLY B 158 -3.54 11.52 -14.73
CA GLY B 158 -4.84 10.90 -14.51
C GLY B 158 -5.04 10.45 -13.07
N THR B 159 -4.03 9.81 -12.50
CA THR B 159 -4.11 9.37 -11.10
C THR B 159 -4.53 10.50 -10.17
N ILE B 160 -3.85 11.64 -10.31
CA ILE B 160 -4.11 12.82 -9.49
C ILE B 160 -5.50 13.35 -9.78
N VAL B 161 -5.88 13.37 -11.05
CA VAL B 161 -7.20 13.84 -11.42
C VAL B 161 -8.27 13.00 -10.76
N TRP B 162 -8.12 11.67 -10.82
CA TRP B 162 -9.11 10.79 -10.22
C TRP B 162 -9.12 10.91 -8.71
N GLY B 163 -7.92 11.01 -8.11
CA GLY B 163 -7.81 11.17 -6.67
C GLY B 163 -8.43 12.45 -6.14
N ALA B 164 -8.13 13.57 -6.79
CA ALA B 164 -8.75 14.86 -6.44
C ALA B 164 -10.26 14.78 -6.57
N THR B 165 -10.74 14.24 -7.67
CA THR B 165 -12.17 14.05 -7.90
C THR B 165 -12.82 13.18 -6.82
N SER B 166 -12.11 12.12 -6.41
CA SER B 166 -12.59 11.28 -5.32
C SER B 166 -12.73 12.07 -4.02
N ALA B 167 -11.71 12.87 -3.68
CA ALA B 167 -11.77 13.70 -2.46
C ALA B 167 -12.95 14.69 -2.48
N MET B 168 -13.25 15.22 -3.65
CA MET B 168 -14.40 16.10 -3.83
C MET B 168 -15.71 15.34 -3.79
N ALA B 169 -15.68 14.07 -4.21
CA ALA B 169 -16.92 13.29 -4.29
C ALA B 169 -17.49 12.93 -2.91
N THR B 170 -18.71 12.43 -2.92
CA THR B 170 -19.42 11.99 -1.72
C THR B 170 -20.00 10.58 -2.00
N GLY B 171 -20.25 9.81 -0.95
CA GLY B 171 -20.85 8.48 -1.08
C GLY B 171 -20.01 7.44 -1.81
N TYR B 172 -20.65 6.59 -2.60
CA TYR B 172 -19.99 5.46 -3.28
C TYR B 172 -19.32 5.91 -4.58
N VAL B 173 -19.76 7.05 -5.09
CA VAL B 173 -19.08 7.70 -6.21
C VAL B 173 -17.60 7.96 -5.86
N LYS B 174 -17.36 8.34 -4.61
CA LYS B 174 -16.00 8.52 -4.08
C LYS B 174 -15.13 7.28 -4.25
N VAL B 175 -15.69 6.13 -3.97
CA VAL B 175 -15.04 4.83 -4.10
C VAL B 175 -14.71 4.52 -5.55
N ILE B 176 -15.62 4.83 -6.47
CA ILE B 176 -15.41 4.57 -7.89
C ILE B 176 -14.26 5.40 -8.42
N PHE B 177 -14.22 6.68 -8.08
CA PHE B 177 -13.13 7.55 -8.56
C PHE B 177 -11.78 7.20 -7.97
N PHE B 178 -11.79 6.75 -6.72
CA PHE B 178 -10.59 6.25 -6.08
C PHE B 178 -10.08 5.01 -6.80
N CYS B 179 -10.99 4.14 -7.22
CA CYS B 179 -10.63 2.95 -8.01
C CYS B 179 -9.98 3.30 -9.34
N LEU B 180 -10.52 4.31 -10.03
CA LEU B 180 -9.88 4.82 -11.25
C LEU B 180 -8.47 5.32 -10.95
N GLY B 181 -8.30 5.97 -9.81
CA GLY B 181 -6.99 6.41 -9.37
C GLY B 181 -6.02 5.26 -9.14
N LEU B 182 -6.52 4.17 -8.52
CA LEU B 182 -5.72 2.96 -8.33
C LEU B 182 -5.29 2.31 -9.66
N CYS B 183 -6.19 2.31 -10.63
CA CYS B 183 -5.89 1.75 -11.96
C CYS B 183 -4.83 2.57 -12.68
N TYR B 184 -5.08 3.88 -12.74
CA TYR B 184 -4.10 4.79 -13.31
C TYR B 184 -2.80 4.72 -12.52
N GLY B 185 -2.93 4.68 -11.18
CA GLY B 185 -1.78 4.63 -10.28
C GLY B 185 -0.92 3.41 -10.48
N ALA B 186 -1.55 2.26 -10.66
CA ALA B 186 -0.84 1.01 -10.88
C ALA B 186 -0.04 1.04 -12.17
N ASN B 187 -0.64 1.64 -13.20
CA ASN B 187 0.04 1.85 -14.48
C ASN B 187 1.31 2.70 -14.30
N THR B 188 1.21 3.76 -13.49
CA THR B 188 2.35 4.64 -13.21
C THR B 188 3.49 3.88 -12.53
N PHE B 189 3.15 3.13 -11.49
CA PHE B 189 4.12 2.33 -10.74
C PHE B 189 4.78 1.27 -11.62
N PHE B 190 3.98 0.64 -12.47
CA PHE B 190 4.47 -0.34 -13.43
C PHE B 190 5.53 0.25 -14.36
N HIS B 191 5.19 1.34 -15.02
CA HIS B 191 6.15 2.03 -15.89
C HIS B 191 7.34 2.56 -15.12
N ALA B 192 7.11 3.08 -13.92
CA ALA B 192 8.19 3.59 -13.05
C ALA B 192 9.19 2.50 -12.71
N ALA B 193 8.67 1.34 -12.32
CA ALA B 193 9.50 0.16 -12.07
C ALA B 193 10.37 -0.16 -13.28
N LYS B 194 9.80 -0.16 -14.48
CA LYS B 194 10.57 -0.44 -15.69
C LYS B 194 11.70 0.59 -15.90
N ALA B 195 11.37 1.87 -15.67
CA ALA B 195 12.37 2.93 -15.79
C ALA B 195 13.51 2.69 -14.79
N TYR B 196 13.17 2.34 -13.55
CA TYR B 196 14.18 2.02 -12.55
C TYR B 196 15.08 0.85 -12.98
N ILE B 197 14.47 -0.22 -13.50
CA ILE B 197 15.20 -1.41 -13.94
C ILE B 197 16.14 -1.12 -15.12
N GLU B 198 15.62 -0.44 -16.13
CA GLU B 198 16.44 0.02 -17.25
C GLU B 198 17.53 0.97 -16.80
N GLY B 199 17.22 1.85 -15.85
CA GLY B 199 18.19 2.77 -15.29
C GLY B 199 19.30 2.07 -14.53
N TYR B 200 18.95 1.05 -13.77
CA TYR B 200 19.92 0.24 -13.04
C TYR B 200 20.93 -0.42 -13.96
N HIS B 201 20.44 -1.04 -15.04
CA HIS B 201 21.30 -1.67 -16.05
C HIS B 201 22.08 -0.66 -16.88
N THR B 202 21.51 0.52 -17.12
CA THR B 202 22.21 1.57 -17.86
C THR B 202 23.39 2.22 -17.11
N VAL B 203 23.25 2.45 -15.80
CA VAL B 203 24.34 3.10 -15.04
C VAL B 203 25.51 2.11 -14.81
N PRO B 204 26.74 2.64 -14.60
CA PRO B 204 27.92 1.75 -14.34
C PRO B 204 27.84 1.07 -12.99
N LYS B 205 28.56 -0.05 -12.85
CA LYS B 205 28.55 -0.85 -11.59
C LYS B 205 29.06 -0.01 -10.39
N GLY B 206 28.95 -0.52 -9.17
CA GLY B 206 29.48 0.19 -8.01
C GLY B 206 28.46 1.14 -7.40
N ARG B 207 28.88 2.33 -7.00
CA ARG B 207 28.05 3.28 -6.25
C ARG B 207 26.77 3.72 -7.00
N CYS B 208 26.88 3.92 -8.32
CA CYS B 208 25.75 4.39 -9.13
C CYS B 208 24.53 3.48 -9.03
N ARG B 209 24.77 2.18 -9.18
CA ARG B 209 23.72 1.17 -9.03
C ARG B 209 23.17 1.13 -7.61
N GLN B 210 24.02 1.31 -6.60
CA GLN B 210 23.58 1.38 -5.22
C GLN B 210 22.64 2.57 -5.01
N VAL B 211 23.00 3.70 -5.63
CA VAL B 211 22.18 4.90 -5.59
C VAL B 211 20.82 4.71 -6.26
N VAL B 212 20.79 4.08 -7.43
CA VAL B 212 19.54 3.84 -8.15
C VAL B 212 18.57 2.99 -7.31
N THR B 213 19.13 1.97 -6.68
CA THR B 213 18.37 1.09 -5.77
C THR B 213 17.83 1.90 -4.58
N GLY B 214 18.65 2.79 -4.04
CA GLY B 214 18.21 3.67 -2.96
C GLY B 214 17.10 4.58 -3.39
N MET B 215 17.24 5.16 -4.59
CA MET B 215 16.19 6.00 -5.17
C MET B 215 14.88 5.25 -5.35
N ALA B 216 14.97 4.02 -5.84
CA ALA B 216 13.79 3.18 -6.04
C ALA B 216 13.08 2.89 -4.72
N TRP B 217 13.83 2.48 -3.72
CA TRP B 217 13.29 2.25 -2.38
C TRP B 217 12.58 3.48 -1.84
N LEU B 218 13.27 4.62 -1.90
CA LEU B 218 12.72 5.89 -1.43
C LEU B 218 11.46 6.31 -2.19
N PHE B 219 11.50 6.12 -3.51
CA PHE B 219 10.39 6.46 -4.36
C PHE B 219 9.15 5.64 -4.06
N PHE B 220 9.28 4.31 -4.03
CA PHE B 220 8.07 3.46 -3.93
C PHE B 220 7.40 3.52 -2.56
N VAL B 221 8.22 3.60 -1.51
CA VAL B 221 7.69 3.76 -0.15
C VAL B 221 6.96 5.09 0.00
N SER B 222 7.58 6.17 -0.47
CA SER B 222 6.99 7.50 -0.30
C SER B 222 5.74 7.70 -1.15
N TRP B 223 5.81 7.28 -2.39
CA TRP B 223 4.68 7.38 -3.31
C TRP B 223 3.52 6.50 -2.88
N GLY B 224 3.81 5.31 -2.39
CA GLY B 224 2.81 4.39 -1.85
C GLY B 224 2.08 4.94 -0.64
N MET B 225 2.73 5.79 0.14
CA MET B 225 2.10 6.38 1.33
C MET B 225 0.94 7.34 1.03
N PHE B 226 1.03 8.06 -0.07
CA PHE B 226 -0.01 9.02 -0.49
C PHE B 226 -1.44 8.46 -0.52
N PRO B 227 -1.69 7.38 -1.27
CA PRO B 227 -3.02 6.74 -1.18
C PRO B 227 -3.41 6.24 0.22
N ILE B 228 -2.41 5.85 1.02
CA ILE B 228 -2.67 5.40 2.37
C ILE B 228 -3.16 6.58 3.21
N LEU B 229 -2.44 7.68 3.14
CA LEU B 229 -2.84 8.88 3.89
C LEU B 229 -4.17 9.44 3.48
N PHE B 230 -4.46 9.33 2.19
CA PHE B 230 -5.73 9.74 1.63
C PHE B 230 -6.85 9.00 2.34
N ILE B 231 -6.75 7.67 2.37
CA ILE B 231 -7.76 6.83 3.05
C ILE B 231 -7.92 7.19 4.54
N LEU B 232 -6.80 7.41 5.22
CA LEU B 232 -6.80 7.74 6.63
C LEU B 232 -7.30 9.14 6.94
N GLY B 233 -7.14 10.08 6.01
CA GLY B 233 -7.51 11.47 6.25
C GLY B 233 -8.99 11.79 6.12
N PRO B 234 -9.36 13.08 6.29
CA PRO B 234 -10.75 13.61 6.15
C PRO B 234 -11.47 13.25 4.84
N GLU B 235 -10.72 13.28 3.74
CA GLU B 235 -11.19 12.84 2.42
C GLU B 235 -11.52 11.36 2.38
N GLY B 236 -10.92 10.58 3.28
CA GLY B 236 -11.23 9.16 3.40
C GLY B 236 -12.12 8.90 4.60
N PHE B 237 -11.65 8.04 5.50
CA PHE B 237 -12.40 7.67 6.69
C PHE B 237 -12.20 8.59 7.90
N GLY B 238 -11.37 9.62 7.77
CA GLY B 238 -11.22 10.58 8.86
C GLY B 238 -10.61 10.02 10.14
N VAL B 239 -9.74 9.03 10.02
CA VAL B 239 -8.97 8.56 11.16
C VAL B 239 -8.06 9.70 11.61
N LEU B 240 -7.37 10.32 10.66
CA LEU B 240 -6.55 11.50 10.93
C LEU B 240 -7.36 12.76 10.73
N SER B 241 -6.99 13.80 11.49
CA SER B 241 -7.54 15.15 11.31
C SER B 241 -6.84 15.85 10.16
N VAL B 242 -7.31 17.06 9.82
CA VAL B 242 -6.66 17.88 8.80
C VAL B 242 -5.21 18.12 9.18
N TYR B 243 -4.99 18.61 10.41
CA TYR B 243 -3.61 18.81 10.87
C TYR B 243 -2.82 17.49 10.90
N GLY B 244 -3.45 16.41 11.34
CA GLY B 244 -2.79 15.11 11.36
C GLY B 244 -2.35 14.61 9.99
N SER B 245 -3.25 14.73 9.04
CA SER B 245 -2.98 14.45 7.63
C SER B 245 -1.83 15.32 7.11
N THR B 246 -1.88 16.62 7.47
CA THR B 246 -0.83 17.55 7.10
C THR B 246 0.56 17.15 7.63
N VAL B 247 0.60 16.71 8.89
CA VAL B 247 1.85 16.22 9.48
C VAL B 247 2.43 15.10 8.64
N GLY B 248 1.62 14.08 8.38
CA GLY B 248 2.05 12.92 7.60
C GLY B 248 2.45 13.28 6.17
N HIS B 249 1.62 14.09 5.51
CA HIS B 249 1.95 14.55 4.16
C HIS B 249 3.27 15.32 4.08
N THR B 250 3.56 16.20 5.04
CA THR B 250 4.85 16.92 5.04
C THR B 250 6.08 16.01 5.12
N ILE B 251 6.02 14.96 5.94
CA ILE B 251 7.11 13.97 6.03
C ILE B 251 7.35 13.27 4.68
N ILE B 252 6.28 12.77 4.05
CA ILE B 252 6.42 12.04 2.77
C ILE B 252 6.71 12.99 1.60
N ASP B 253 6.28 14.25 1.72
CA ASP B 253 6.67 15.32 0.81
C ASP B 253 8.19 15.49 0.83
N LEU B 254 8.76 15.62 2.02
CA LEU B 254 10.23 15.73 2.16
C LEU B 254 10.96 14.53 1.56
N MET B 255 10.43 13.34 1.78
CA MET B 255 10.99 12.12 1.26
C MET B 255 10.94 12.11 -0.26
N SER B 256 9.74 12.29 -0.81
CA SER B 256 9.52 12.17 -2.26
C SER B 256 10.11 13.30 -3.07
N ASN B 258 12.33 16.45 -1.79
CA ASN B 258 13.65 17.01 -1.49
C ASN B 258 14.74 15.94 -1.48
N CYS B 259 14.52 14.88 -0.72
CA CYS B 259 15.52 13.84 -0.56
C CYS B 259 15.74 13.07 -1.85
N TRP B 260 14.67 12.70 -2.52
CA TRP B 260 14.77 11.95 -3.77
C TRP B 260 15.47 12.76 -4.84
N GLY B 261 15.16 14.06 -4.89
CA GLY B 261 15.83 15.00 -5.78
C GLY B 261 17.33 15.09 -5.52
N LEU B 262 17.71 15.17 -4.25
CA LEU B 262 19.12 15.24 -3.84
C LEU B 262 19.88 13.97 -4.23
N LEU B 263 19.26 12.81 -4.04
CA LEU B 263 19.87 11.55 -4.47
C LEU B 263 20.02 11.49 -5.97
N GLY B 264 18.95 11.87 -6.68
CA GLY B 264 18.99 11.93 -8.15
C GLY B 264 20.07 12.88 -8.66
N HIS B 265 20.24 14.02 -7.99
CA HIS B 265 21.34 14.94 -8.30
C HIS B 265 22.68 14.25 -8.12
N TYR B 266 22.88 13.62 -6.96
CA TYR B 266 24.11 12.88 -6.67
C TYR B 266 24.41 11.81 -7.72
N LEU B 267 23.36 11.08 -8.14
CA LEU B 267 23.55 10.09 -9.22
C LEU B 267 24.12 10.74 -10.49
N ARG B 268 23.53 11.85 -10.88
CA ARG B 268 23.95 12.60 -12.06
C ARG B 268 25.39 13.09 -11.96
N VAL B 269 25.77 13.53 -10.78
CA VAL B 269 27.16 13.87 -10.46
C VAL B 269 28.09 12.67 -10.65
N LEU B 270 27.73 11.52 -10.10
CA LEU B 270 28.53 10.30 -10.32
C LEU B 270 28.69 9.93 -11.78
N ILE B 271 27.62 10.07 -12.57
CA ILE B 271 27.68 9.76 -14.02
C ILE B 271 28.68 10.72 -14.70
N HIS B 272 28.59 11.99 -14.35
CA HIS B 272 29.55 12.98 -14.84
C HIS B 272 30.99 12.62 -14.43
N GLU B 273 31.21 12.34 -13.14
CA GLU B 273 32.54 11.92 -12.64
C GLU B 273 33.08 10.66 -13.32
N HIS B 274 32.20 9.70 -13.61
CA HIS B 274 32.58 8.49 -14.34
C HIS B 274 32.97 8.74 -15.81
N ILE B 275 32.17 9.54 -16.54
CA ILE B 275 32.46 9.83 -17.97
C ILE B 275 33.82 10.53 -18.20
N LEU B 276 34.22 11.42 -17.30
CA LEU B 276 35.53 12.07 -17.40
C LEU B 276 36.67 11.06 -17.36
N ILE B 277 36.58 10.11 -16.44
CA ILE B 277 37.58 9.06 -16.26
C ILE B 277 37.51 8.00 -17.37
N HIS B 278 36.30 7.54 -17.71
CA HIS B 278 36.13 6.38 -18.59
C HIS B 278 35.74 6.69 -20.04
N GLY B 279 35.40 7.95 -20.34
CA GLY B 279 34.92 8.33 -21.67
C GLY B 279 33.42 8.15 -21.95
N ASP B 280 32.68 7.54 -21.02
CA ASP B 280 31.23 7.34 -21.17
C ASP B 280 30.78 6.16 -22.05
N ILE B 281 31.68 5.21 -22.28
CA ILE B 281 31.41 4.17 -23.28
C ILE B 281 31.59 2.76 -22.71
#